data_7ZL7
#
_entry.id   7ZL7
#
_cell.length_a   68.470
_cell.length_b   72.420
_cell.length_c   49.660
_cell.angle_alpha   90.000
_cell.angle_beta   100.042
_cell.angle_gamma   90.000
#
_symmetry.space_group_name_H-M   'C 1 2 1'
#
loop_
_entity.id
_entity.type
_entity.pdbx_description
1 polymer 'Gamma-aminobutyric acid receptor-associated protein'
2 polymer Pen8-ortho
3 non-polymer 'CHLORIDE ION'
4 non-polymer 'SODIUM ION'
5 non-polymer ORTHO-XYLENE
6 water water
#
loop_
_entity_poly.entity_id
_entity_poly.type
_entity_poly.pdbx_seq_one_letter_code
_entity_poly.pdbx_strand_id
1 'polypeptide(L)'
;GSMKFVYKEEHPFEKRRSEGEKIRKKYPDRVPVIVEKAPKARIGDLDKKKYLVPSDLTVGQFYFLIRKRIHLRAEDALFF
FVNNVIPPTSATMGQLYQEHHEEDFFLYIAYSDESVYGL
;
A,C
2 'polypeptide(L)' (ACE)DACYTWE(LE1)LAWP(NH2) D,B
#
loop_
_chem_comp.id
_chem_comp.type
_chem_comp.name
_chem_comp.formula
ACE non-polymer 'ACETYL GROUP' 'C2 H4 O'
CL non-polymer 'CHLORIDE ION' 'Cl -1'
NA non-polymer 'SODIUM ION' 'Na 1'
NH2 non-polymer 'AMINO GROUP' 'H2 N'
OXE non-polymer ORTHO-XYLENE 'C8 H10'
#
# COMPACT_ATOMS: atom_id res chain seq x y z
N GLY A 1 -5.77 25.90 -9.53
CA GLY A 1 -4.57 26.43 -8.90
C GLY A 1 -3.28 25.97 -9.54
N SER A 2 -2.16 26.42 -8.96
CA SER A 2 -0.85 25.98 -9.42
C SER A 2 -0.60 24.50 -9.15
N MET A 3 -1.32 23.90 -8.19
CA MET A 3 -1.25 22.47 -7.92
C MET A 3 -2.51 21.85 -8.49
N LYS A 4 -2.38 21.26 -9.67
CA LYS A 4 -3.51 20.82 -10.47
C LYS A 4 -3.03 19.62 -11.26
N PHE A 5 -3.92 18.65 -11.46
CA PHE A 5 -3.54 17.47 -12.24
C PHE A 5 -3.13 17.88 -13.65
N VAL A 6 -2.04 17.28 -14.14
CA VAL A 6 -1.43 17.71 -15.40
C VAL A 6 -2.42 17.59 -16.56
N TYR A 7 -3.22 16.53 -16.58
CA TYR A 7 -4.19 16.33 -17.67
C TYR A 7 -5.18 17.49 -17.74
N LYS A 8 -5.60 18.02 -16.59
CA LYS A 8 -6.54 19.14 -16.59
C LYS A 8 -5.88 20.43 -17.03
N GLU A 9 -4.56 20.55 -16.81
CA GLU A 9 -3.83 21.72 -17.27
C GLU A 9 -3.73 21.77 -18.78
N GLU A 10 -3.81 20.62 -19.45
CA GLU A 10 -3.54 20.54 -20.88
C GLU A 10 -4.79 20.35 -21.73
N HIS A 11 -5.94 20.10 -21.12
CA HIS A 11 -7.21 19.90 -21.83
C HIS A 11 -8.28 20.70 -21.10
N PRO A 12 -8.94 21.66 -21.75
CA PRO A 12 -9.89 22.52 -21.03
C PRO A 12 -11.19 21.80 -20.69
N PHE A 13 -11.91 22.37 -19.71
CA PHE A 13 -13.03 21.69 -19.07
C PHE A 13 -14.08 21.19 -20.06
N GLU A 14 -14.57 22.06 -20.94
CA GLU A 14 -15.70 21.63 -21.77
C GLU A 14 -15.30 20.53 -22.74
N LYS A 15 -14.06 20.56 -23.23
CA LYS A 15 -13.58 19.49 -24.09
C LYS A 15 -13.48 18.18 -23.34
N ARG A 16 -12.96 18.22 -22.10
CA ARG A 16 -12.90 17.00 -21.29
C ARG A 16 -14.30 16.48 -21.04
N ARG A 17 -15.24 17.36 -20.68
CA ARG A 17 -16.58 16.91 -20.35
C ARG A 17 -17.24 16.25 -21.56
N SER A 18 -17.05 16.82 -22.74
CA SER A 18 -17.66 16.22 -23.92
C SER A 18 -17.15 14.82 -24.15
N GLU A 19 -15.85 14.59 -23.94
CA GLU A 19 -15.33 13.25 -24.14
C GLU A 19 -15.78 12.33 -23.02
N GLY A 20 -15.85 12.84 -21.79
CA GLY A 20 -16.34 12.00 -20.70
C GLY A 20 -17.78 11.56 -20.91
N GLU A 21 -18.64 12.47 -21.38
CA GLU A 21 -20.03 12.10 -21.63
C GLU A 21 -20.13 11.08 -22.76
N LYS A 22 -19.34 11.27 -23.83
CA LYS A 22 -19.41 10.38 -24.98
C LYS A 22 -18.94 8.97 -24.63
N ILE A 23 -17.81 8.85 -23.91
CA ILE A 23 -17.27 7.52 -23.64
C ILE A 23 -18.13 6.80 -22.59
N ARG A 24 -18.74 7.54 -21.66
CA ARG A 24 -19.69 6.93 -20.73
C ARG A 24 -20.95 6.43 -21.44
N LYS A 25 -21.39 7.15 -22.50
CA LYS A 25 -22.54 6.67 -23.26
C LYS A 25 -22.19 5.44 -24.10
N LYS A 26 -20.99 5.41 -24.66
CA LYS A 26 -20.60 4.34 -25.57
C LYS A 26 -20.21 3.05 -24.83
N TYR A 27 -19.65 3.18 -23.62
CA TYR A 27 -19.16 2.03 -22.85
C TYR A 27 -19.68 2.11 -21.42
N PRO A 28 -20.98 1.86 -21.22
CA PRO A 28 -21.60 2.14 -19.92
C PRO A 28 -21.20 1.16 -18.83
N ASP A 29 -20.59 0.03 -19.18
CA ASP A 29 -20.13 -0.96 -18.21
C ASP A 29 -18.70 -0.70 -17.76
N ARG A 30 -18.07 0.34 -18.27
N ARG A 30 -18.05 0.32 -18.30
CA ARG A 30 -16.72 0.73 -17.88
CA ARG A 30 -16.73 0.71 -17.85
C ARG A 30 -16.71 2.20 -17.51
C ARG A 30 -16.75 2.18 -17.44
N VAL A 31 -15.71 2.59 -16.73
CA VAL A 31 -15.59 3.98 -16.28
C VAL A 31 -14.25 4.53 -16.73
N PRO A 32 -14.21 5.78 -17.19
CA PRO A 32 -12.95 6.39 -17.64
C PRO A 32 -12.16 6.93 -16.47
N VAL A 33 -10.88 6.53 -16.40
CA VAL A 33 -10.00 6.88 -15.29
C VAL A 33 -8.74 7.52 -15.86
N ILE A 34 -8.37 8.68 -15.32
CA ILE A 34 -7.13 9.38 -15.67
C ILE A 34 -6.10 9.08 -14.57
N VAL A 35 -5.01 8.38 -14.91
CA VAL A 35 -4.01 7.90 -13.94
C VAL A 35 -2.72 8.68 -14.15
N GLU A 36 -2.21 9.30 -13.10
CA GLU A 36 -1.01 10.13 -13.20
C GLU A 36 -0.11 9.93 -11.99
N LYS A 37 1.19 10.16 -12.22
CA LYS A 37 2.17 10.09 -11.13
C LYS A 37 2.05 11.32 -10.24
N ALA A 38 2.03 11.10 -8.93
CA ALA A 38 2.00 12.20 -7.99
C ALA A 38 3.26 13.05 -8.15
N PRO A 39 3.16 14.36 -7.89
CA PRO A 39 4.28 15.27 -8.25
C PRO A 39 5.64 14.87 -7.71
N LYS A 40 5.74 14.62 -6.41
CA LYS A 40 7.02 14.35 -5.76
C LYS A 40 7.43 12.88 -5.80
N ALA A 41 6.69 12.04 -6.52
CA ALA A 41 6.97 10.61 -6.51
C ALA A 41 8.28 10.29 -7.22
N ARG A 42 9.00 9.32 -6.68
CA ARG A 42 10.21 8.78 -7.29
C ARG A 42 9.87 7.35 -7.73
N ILE A 43 9.38 7.21 -8.95
CA ILE A 43 8.78 5.94 -9.40
C ILE A 43 8.67 6.00 -10.91
N GLY A 44 8.57 4.83 -11.54
CA GLY A 44 8.51 4.76 -12.98
C GLY A 44 7.23 5.34 -13.56
N ASP A 45 7.31 5.65 -14.85
CA ASP A 45 6.23 6.33 -15.57
C ASP A 45 5.27 5.31 -16.17
N LEU A 46 4.07 5.78 -16.49
CA LEU A 46 3.10 5.00 -17.25
C LEU A 46 3.14 5.44 -18.70
N ASP A 47 2.98 4.47 -19.61
CA ASP A 47 2.92 4.80 -21.03
C ASP A 47 1.77 5.76 -21.32
N LYS A 48 0.58 5.43 -20.85
CA LYS A 48 -0.63 6.20 -21.10
C LYS A 48 -1.28 6.60 -19.78
N LYS A 49 -2.15 7.62 -19.85
CA LYS A 49 -2.90 8.09 -18.70
C LYS A 49 -4.38 7.70 -18.73
N LYS A 50 -4.91 7.33 -19.89
CA LYS A 50 -6.36 7.25 -20.07
C LYS A 50 -6.76 5.79 -20.14
N TYR A 51 -7.53 5.33 -19.15
CA TYR A 51 -7.92 3.94 -19.01
C TYR A 51 -9.43 3.81 -18.92
N LEU A 52 -10.00 2.82 -19.62
CA LEU A 52 -11.39 2.42 -19.45
C LEU A 52 -11.43 1.16 -18.62
N VAL A 53 -12.07 1.23 -17.46
CA VAL A 53 -11.90 0.26 -16.38
C VAL A 53 -13.26 -0.40 -16.12
N PRO A 54 -13.34 -1.73 -16.02
CA PRO A 54 -14.63 -2.36 -15.66
C PRO A 54 -15.13 -1.86 -14.31
N SER A 55 -16.42 -1.52 -14.26
N SER A 55 -16.41 -1.52 -14.25
CA SER A 55 -16.99 -1.02 -13.01
CA SER A 55 -16.97 -1.00 -13.00
C SER A 55 -16.83 -2.03 -11.88
C SER A 55 -16.92 -2.03 -11.88
N ASP A 56 -16.85 -3.32 -12.19
CA ASP A 56 -16.77 -4.37 -11.17
C ASP A 56 -15.34 -4.72 -10.78
N LEU A 57 -14.33 -4.08 -11.37
CA LEU A 57 -12.94 -4.33 -10.97
C LEU A 57 -12.70 -3.89 -9.54
N THR A 58 -12.09 -4.75 -8.73
CA THR A 58 -11.77 -4.33 -7.38
C THR A 58 -10.58 -3.36 -7.38
N VAL A 59 -10.48 -2.61 -6.29
CA VAL A 59 -9.35 -1.71 -6.13
C VAL A 59 -8.03 -2.51 -6.14
N GLY A 60 -8.01 -3.68 -5.49
CA GLY A 60 -6.80 -4.49 -5.49
C GLY A 60 -6.42 -5.04 -6.86
N GLN A 61 -7.41 -5.40 -7.66
CA GLN A 61 -7.18 -5.81 -9.05
C GLN A 61 -6.61 -4.65 -9.85
N PHE A 62 -7.19 -3.45 -9.70
CA PHE A 62 -6.67 -2.28 -10.39
C PHE A 62 -5.23 -1.97 -10.01
N TYR A 63 -4.89 -2.07 -8.70
CA TYR A 63 -3.52 -1.88 -8.26
C TYR A 63 -2.56 -2.76 -9.07
N PHE A 64 -2.90 -4.04 -9.22
CA PHE A 64 -1.97 -4.94 -9.90
C PHE A 64 -1.84 -4.61 -11.39
N LEU A 65 -2.94 -4.24 -12.02
CA LEU A 65 -2.88 -3.92 -13.44
C LEU A 65 -2.02 -2.69 -13.70
N ILE A 66 -1.99 -1.73 -12.78
CA ILE A 66 -1.11 -0.58 -12.95
C ILE A 66 0.30 -0.93 -12.56
N ARG A 67 0.48 -1.70 -11.47
CA ARG A 67 1.83 -2.07 -11.02
C ARG A 67 2.60 -2.76 -12.13
N LYS A 68 1.95 -3.69 -12.85
CA LYS A 68 2.66 -4.45 -13.88
C LYS A 68 2.94 -3.61 -15.12
N ARG A 69 2.26 -2.46 -15.27
CA ARG A 69 2.57 -1.56 -16.38
C ARG A 69 3.74 -0.63 -16.04
N ILE A 70 3.91 -0.27 -14.77
CA ILE A 70 5.08 0.48 -14.30
C ILE A 70 6.33 -0.40 -14.26
N HIS A 71 6.16 -1.73 -14.26
CA HIS A 71 7.27 -2.69 -14.17
C HIS A 71 8.04 -2.53 -12.85
N LEU A 72 7.31 -2.33 -11.75
CA LEU A 72 7.92 -2.26 -10.43
C LEU A 72 8.56 -3.59 -10.05
N ARG A 73 9.68 -3.51 -9.33
CA ARG A 73 10.27 -4.65 -8.66
C ARG A 73 9.47 -4.99 -7.41
N ALA A 74 9.67 -6.21 -6.91
CA ALA A 74 8.92 -6.67 -5.75
C ALA A 74 9.08 -5.72 -4.56
N GLU A 75 10.28 -5.17 -4.38
N GLU A 75 10.29 -5.17 -4.38
CA GLU A 75 10.58 -4.33 -3.22
CA GLU A 75 10.61 -4.32 -3.24
C GLU A 75 10.13 -2.89 -3.38
C GLU A 75 10.11 -2.89 -3.37
N ASP A 76 9.49 -2.54 -4.49
CA ASP A 76 9.05 -1.16 -4.73
C ASP A 76 7.61 -1.01 -4.27
N ALA A 77 7.39 -0.10 -3.32
CA ALA A 77 6.05 0.15 -2.83
C ALA A 77 5.24 1.02 -3.79
N LEU A 78 3.93 0.85 -3.74
CA LEU A 78 3.01 1.56 -4.64
C LEU A 78 1.74 1.95 -3.89
N PHE A 79 1.37 3.23 -3.95
CA PHE A 79 0.17 3.74 -3.30
C PHE A 79 -0.65 4.57 -4.27
N PHE A 80 -1.97 4.54 -4.10
CA PHE A 80 -2.90 5.29 -4.95
C PHE A 80 -3.72 6.25 -4.10
N PHE A 81 -4.12 7.37 -4.73
CA PHE A 81 -4.84 8.44 -4.05
C PHE A 81 -5.97 8.98 -4.91
N VAL A 82 -7.14 9.16 -4.29
CA VAL A 82 -8.25 9.90 -4.90
C VAL A 82 -8.48 11.09 -3.98
N ASN A 83 -8.33 12.30 -4.52
CA ASN A 83 -8.43 13.52 -3.72
C ASN A 83 -7.62 13.40 -2.43
N ASN A 84 -6.38 12.95 -2.59
CA ASN A 84 -5.32 12.86 -1.56
C ASN A 84 -5.52 11.71 -0.58
N VAL A 85 -6.54 10.88 -0.75
CA VAL A 85 -6.87 9.81 0.19
C VAL A 85 -6.70 8.45 -0.48
N ILE A 86 -6.05 7.52 0.22
CA ILE A 86 -5.96 6.14 -0.29
C ILE A 86 -7.35 5.52 -0.31
N PRO A 87 -7.76 4.87 -1.40
CA PRO A 87 -9.10 4.27 -1.44
C PRO A 87 -9.23 3.13 -0.44
N PRO A 88 -10.45 2.83 -0.01
N PRO A 88 -10.45 2.85 0.02
CA PRO A 88 -10.68 1.62 0.78
CA PRO A 88 -10.68 1.62 0.79
C PRO A 88 -10.51 0.39 -0.10
C PRO A 88 -10.50 0.40 -0.09
N THR A 89 -9.94 -0.66 0.48
CA THR A 89 -9.73 -1.90 -0.26
C THR A 89 -11.04 -2.56 -0.66
N SER A 90 -12.12 -2.30 0.08
CA SER A 90 -13.43 -2.85 -0.21
C SER A 90 -14.14 -2.15 -1.36
N ALA A 91 -13.53 -1.19 -2.02
CA ALA A 91 -14.20 -0.46 -3.09
C ALA A 91 -13.94 -1.14 -4.43
N THR A 92 -14.90 -0.99 -5.33
CA THR A 92 -14.67 -1.27 -6.75
C THR A 92 -14.38 0.03 -7.47
N MET A 93 -13.87 -0.09 -8.71
CA MET A 93 -13.57 1.10 -9.50
C MET A 93 -14.84 1.83 -9.94
N GLY A 94 -15.92 1.09 -10.18
CA GLY A 94 -17.21 1.73 -10.44
C GLY A 94 -17.70 2.52 -9.24
N GLN A 95 -17.51 1.97 -8.04
CA GLN A 95 -17.88 2.69 -6.82
C GLN A 95 -17.10 3.99 -6.67
N LEU A 96 -15.78 3.93 -6.81
CA LEU A 96 -14.99 5.15 -6.75
C LEU A 96 -15.44 6.16 -7.79
N TYR A 97 -15.74 5.69 -9.00
CA TYR A 97 -16.24 6.59 -10.04
C TYR A 97 -17.55 7.25 -9.60
N GLN A 98 -18.49 6.46 -9.12
CA GLN A 98 -19.79 6.99 -8.73
C GLN A 98 -19.65 7.99 -7.58
N GLU A 99 -18.74 7.73 -6.65
CA GLU A 99 -18.55 8.62 -5.51
C GLU A 99 -17.75 9.87 -5.86
N HIS A 100 -16.78 9.77 -6.79
CA HIS A 100 -15.75 10.78 -6.88
C HIS A 100 -15.45 11.33 -8.29
N HIS A 101 -16.18 10.92 -9.31
CA HIS A 101 -15.89 11.48 -10.63
C HIS A 101 -16.08 12.99 -10.61
N GLU A 102 -15.24 13.69 -11.38
CA GLU A 102 -15.34 15.14 -11.45
C GLU A 102 -16.46 15.55 -12.42
N GLU A 103 -16.69 16.86 -12.57
CA GLU A 103 -17.79 17.32 -13.40
C GLU A 103 -17.54 17.10 -14.88
N ASP A 104 -16.30 16.76 -15.28
CA ASP A 104 -16.01 16.33 -16.63
C ASP A 104 -16.27 14.83 -16.86
N PHE A 105 -16.82 14.11 -15.87
CA PHE A 105 -17.15 12.69 -15.93
C PHE A 105 -15.94 11.78 -16.03
N PHE A 106 -14.75 12.27 -15.66
CA PHE A 106 -13.57 11.44 -15.41
C PHE A 106 -13.34 11.24 -13.92
N LEU A 107 -12.80 10.07 -13.59
CA LEU A 107 -12.26 9.77 -12.26
C LEU A 107 -10.75 9.94 -12.31
N TYR A 108 -10.21 10.72 -11.38
CA TYR A 108 -8.78 11.01 -11.34
C TYR A 108 -8.12 10.25 -10.20
N ILE A 109 -7.07 9.48 -10.53
N ILE A 109 -7.07 9.48 -10.51
CA ILE A 109 -6.30 8.73 -9.53
CA ILE A 109 -6.32 8.76 -9.48
C ILE A 109 -4.82 9.02 -9.72
C ILE A 109 -4.83 8.97 -9.70
N ALA A 110 -4.12 9.24 -8.61
CA ALA A 110 -2.67 9.44 -8.63
C ALA A 110 -1.97 8.26 -7.97
N TYR A 111 -0.73 8.00 -8.41
CA TYR A 111 0.06 6.94 -7.79
C TYR A 111 1.41 7.49 -7.36
N SER A 112 1.99 6.83 -6.35
CA SER A 112 3.28 7.26 -5.83
C SER A 112 4.01 6.08 -5.21
N ASP A 113 5.30 6.27 -5.01
CA ASP A 113 6.02 5.36 -4.12
C ASP A 113 5.72 5.65 -2.65
N GLU A 114 5.31 6.87 -2.31
CA GLU A 114 5.09 7.22 -0.91
C GLU A 114 3.62 7.04 -0.48
N SER A 115 3.43 6.89 0.82
CA SER A 115 2.12 6.63 1.38
C SER A 115 1.33 7.92 1.66
N VAL A 116 1.96 9.08 1.46
CA VAL A 116 1.29 10.38 1.54
C VAL A 116 1.48 11.10 0.21
N TYR A 117 0.38 11.59 -0.38
CA TYR A 117 0.45 12.28 -1.67
C TYR A 117 1.43 13.45 -1.62
N GLY A 118 2.37 13.46 -2.57
CA GLY A 118 3.29 14.58 -2.69
C GLY A 118 4.14 14.84 -1.46
N LEU A 119 4.47 13.81 -0.70
CA LEU A 119 5.36 13.98 0.44
C LEU A 119 6.76 14.35 -0.05
C ACE B 1 21.49 -19.81 18.35
O ACE B 1 20.28 -19.83 18.10
CH3 ACE B 1 22.48 -19.18 17.40
N ASP B 2 22.00 -20.32 19.47
CA ASP B 2 21.12 -20.97 20.44
C ASP B 2 20.16 -20.01 21.15
N ALA B 3 20.34 -18.70 20.94
CA ALA B 3 19.38 -17.72 21.43
C ALA B 3 18.25 -17.46 20.45
N CYS B 4 18.40 -17.89 19.20
CA CYS B 4 17.48 -17.54 18.12
C CYS B 4 16.53 -18.67 17.74
N TYR B 5 16.31 -19.64 18.64
CA TYR B 5 15.39 -20.72 18.30
C TYR B 5 13.99 -20.18 18.01
N THR B 6 13.57 -19.11 18.68
CA THR B 6 12.24 -18.54 18.47
C THR B 6 12.24 -17.34 17.50
N TRP B 7 13.39 -16.96 16.97
CA TRP B 7 13.52 -15.82 16.07
C TRP B 7 13.81 -16.29 14.65
N GLU B 8 13.09 -15.74 13.68
CA GLU B 8 13.39 -16.00 12.27
C GLU B 8 14.21 -14.84 11.68
O LE1 B 9 15.76 -14.70 8.30
C LE1 B 9 15.85 -13.76 9.13
CA LE1 B 9 16.24 -14.08 10.57
N LE1 B 9 15.35 -15.15 11.09
CB LE1 B 9 17.75 -14.45 10.69
C9 LE1 B 9 18.13 -15.79 10.04
C8 LE1 B 9 18.54 -13.35 10.01
SG LE1 B 9 18.26 -14.37 12.46
N LEU B 10 15.59 -12.48 8.84
CA LEU B 10 15.33 -12.02 7.48
C LEU B 10 16.58 -11.43 6.82
N ALA B 11 16.63 -11.49 5.50
CA ALA B 11 17.71 -10.89 4.72
C ALA B 11 17.19 -10.63 3.31
N TRP B 12 17.78 -9.65 2.64
CA TRP B 12 17.39 -9.33 1.27
C TRP B 12 18.42 -9.89 0.31
N PRO B 13 18.04 -10.73 -0.67
CA PRO B 13 18.95 -11.39 -1.60
C PRO B 13 19.29 -10.53 -2.82
N NH2 B 14 20.29 -10.95 -3.57
N GLY C 1 -3.09 0.67 20.46
CA GLY C 1 -4.54 0.68 20.45
C GLY C 1 -5.14 -0.13 21.58
N SER C 2 -6.47 -0.14 21.67
CA SER C 2 -7.14 -0.88 22.74
C SER C 2 -6.94 -2.38 22.60
N MET C 3 -6.82 -2.87 21.37
CA MET C 3 -6.44 -4.26 21.12
C MET C 3 -4.92 -4.29 21.11
N LYS C 4 -4.34 -4.68 22.24
CA LYS C 4 -2.90 -4.81 22.33
C LYS C 4 -2.44 -5.98 21.48
N PHE C 5 -1.20 -5.91 21.03
CA PHE C 5 -0.58 -7.08 20.42
C PHE C 5 -0.74 -8.27 21.36
N VAL C 6 -1.27 -9.38 20.82
CA VAL C 6 -1.43 -10.60 21.61
C VAL C 6 -0.10 -11.02 22.24
N TYR C 7 1.02 -10.77 21.53
CA TYR C 7 2.33 -11.10 22.08
C TYR C 7 2.56 -10.43 23.41
N LYS C 8 2.13 -9.17 23.55
CA LYS C 8 2.29 -8.44 24.80
C LYS C 8 1.39 -8.98 25.88
N GLU C 9 0.18 -9.43 25.51
CA GLU C 9 -0.74 -9.98 26.50
C GLU C 9 -0.28 -11.32 27.02
N GLU C 10 0.44 -12.10 26.22
N GLU C 10 0.48 -12.08 26.22
CA GLU C 10 0.83 -13.44 26.63
CA GLU C 10 0.85 -13.45 26.51
C GLU C 10 2.19 -13.50 27.30
C GLU C 10 2.28 -13.60 27.01
N HIS C 11 3.05 -12.51 27.06
CA HIS C 11 4.40 -12.52 27.62
C HIS C 11 4.58 -11.32 28.54
N PRO C 12 4.79 -11.53 29.84
CA PRO C 12 4.91 -10.40 30.76
C PRO C 12 6.05 -9.45 30.40
N PHE C 13 5.82 -8.16 30.71
CA PHE C 13 6.70 -7.08 30.24
C PHE C 13 8.17 -7.30 30.57
N GLU C 14 8.50 -7.63 31.83
CA GLU C 14 9.93 -7.64 32.17
C GLU C 14 10.64 -8.79 31.49
N LYS C 15 9.92 -9.90 31.22
CA LYS C 15 10.49 -10.98 30.42
C LYS C 15 10.77 -10.51 29.00
N ARG C 16 9.85 -9.75 28.42
CA ARG C 16 10.09 -9.22 27.08
C ARG C 16 11.29 -8.29 27.08
N ARG C 17 11.37 -7.41 28.09
CA ARG C 17 12.44 -6.41 28.10
C ARG C 17 13.80 -7.08 28.25
N SER C 18 13.88 -8.11 29.10
CA SER C 18 15.11 -8.90 29.21
C SER C 18 15.51 -9.48 27.85
N GLU C 19 14.55 -10.07 27.13
CA GLU C 19 14.90 -10.68 25.86
C GLU C 19 15.31 -9.64 24.84
N GLY C 20 14.60 -8.50 24.79
CA GLY C 20 14.98 -7.45 23.86
C GLY C 20 16.38 -6.95 24.11
N GLU C 21 16.75 -6.75 25.38
CA GLU C 21 18.09 -6.30 25.71
C GLU C 21 19.13 -7.31 25.25
N LYS C 22 18.87 -8.59 25.53
CA LYS C 22 19.78 -9.66 25.15
C LYS C 22 19.98 -9.73 23.65
N ILE C 23 18.88 -9.76 22.89
CA ILE C 23 19.01 -9.97 21.45
C ILE C 23 19.66 -8.76 20.77
N ARG C 24 19.45 -7.54 21.29
CA ARG C 24 20.10 -6.37 20.70
C ARG C 24 21.60 -6.36 20.98
N LYS C 25 22.03 -6.89 22.13
CA LYS C 25 23.45 -6.95 22.41
C LYS C 25 24.13 -8.02 21.56
N LYS C 26 23.45 -9.15 21.32
CA LYS C 26 24.04 -10.26 20.58
C LYS C 26 24.09 -9.99 19.07
N TYR C 27 23.13 -9.24 18.54
CA TYR C 27 23.03 -8.98 17.10
C TYR C 27 22.80 -7.48 16.88
N PRO C 28 23.82 -6.66 17.09
CA PRO C 28 23.60 -5.21 17.18
C PRO C 28 23.29 -4.53 15.85
N ASP C 29 23.56 -5.17 14.71
CA ASP C 29 23.19 -4.60 13.41
C ASP C 29 21.79 -5.04 12.98
N ARG C 30 21.05 -5.66 13.89
CA ARG C 30 19.69 -6.09 13.60
C ARG C 30 18.72 -5.52 14.62
N VAL C 31 17.45 -5.48 14.24
CA VAL C 31 16.41 -5.07 15.17
C VAL C 31 15.31 -6.12 15.28
N PRO C 32 14.81 -6.36 16.49
CA PRO C 32 13.78 -7.38 16.69
C PRO C 32 12.39 -6.81 16.48
N VAL C 33 11.58 -7.51 15.68
CA VAL C 33 10.29 -7.01 15.24
C VAL C 33 9.23 -8.07 15.51
N ILE C 34 8.11 -7.65 16.09
CA ILE C 34 6.92 -8.48 16.29
C ILE C 34 5.86 -8.05 15.28
N VAL C 35 5.33 -9.00 14.50
CA VAL C 35 4.36 -8.74 13.43
C VAL C 35 3.05 -9.49 13.70
N GLU C 36 1.92 -8.78 13.67
CA GLU C 36 0.61 -9.39 13.91
C GLU C 36 -0.46 -8.76 13.04
N LYS C 37 -1.58 -9.48 12.87
CA LYS C 37 -2.74 -8.93 12.19
C LYS C 37 -3.39 -7.79 12.98
N ALA C 38 -3.79 -6.74 12.27
CA ALA C 38 -4.51 -5.64 12.90
C ALA C 38 -5.96 -6.06 13.20
N PRO C 39 -6.64 -5.34 14.10
CA PRO C 39 -8.04 -5.69 14.39
C PRO C 39 -8.87 -5.60 13.12
N LYS C 40 -9.82 -6.53 13.00
CA LYS C 40 -10.78 -6.61 11.89
C LYS C 40 -10.14 -6.94 10.54
N ALA C 41 -8.84 -7.21 10.49
CA ALA C 41 -8.21 -7.56 9.22
C ALA C 41 -8.79 -8.87 8.69
N ARG C 42 -9.05 -8.92 7.38
CA ARG C 42 -9.54 -10.11 6.68
C ARG C 42 -8.42 -10.57 5.75
N ILE C 43 -7.52 -11.41 6.25
CA ILE C 43 -6.28 -11.72 5.56
C ILE C 43 -5.63 -12.93 6.22
N GLY C 44 -4.76 -13.62 5.49
CA GLY C 44 -4.14 -14.82 6.02
C GLY C 44 -3.25 -14.53 7.22
N ASP C 45 -2.92 -15.61 7.94
CA ASP C 45 -2.09 -15.55 9.13
C ASP C 45 -0.62 -15.73 8.78
N LEU C 46 0.25 -15.31 9.69
CA LEU C 46 1.67 -15.61 9.63
C LEU C 46 1.97 -16.82 10.49
N ASP C 47 2.88 -17.68 10.05
CA ASP C 47 3.28 -18.82 10.87
C ASP C 47 4.12 -18.37 12.06
N LYS C 48 4.93 -17.32 11.88
CA LYS C 48 5.80 -16.81 12.92
C LYS C 48 5.55 -15.32 13.10
N LYS C 49 5.71 -14.86 14.34
CA LYS C 49 5.59 -13.44 14.73
C LYS C 49 6.91 -12.73 14.96
N LYS C 50 7.97 -13.46 15.30
CA LYS C 50 9.20 -12.86 15.81
C LYS C 50 10.27 -12.88 14.72
N TYR C 51 10.68 -11.69 14.27
CA TYR C 51 11.65 -11.54 13.20
C TYR C 51 12.83 -10.70 13.66
N LEU C 52 14.03 -11.10 13.24
CA LEU C 52 15.26 -10.35 13.50
C LEU C 52 15.75 -9.81 12.15
N VAL C 53 15.64 -8.49 11.96
CA VAL C 53 15.78 -7.96 10.61
C VAL C 53 16.94 -6.98 10.54
N PRO C 54 17.60 -6.85 9.39
CA PRO C 54 18.74 -5.92 9.29
C PRO C 54 18.30 -4.48 9.50
N SER C 55 19.13 -3.71 10.20
CA SER C 55 18.77 -2.31 10.45
C SER C 55 18.60 -1.50 9.16
N ASP C 56 19.33 -1.87 8.10
N ASP C 56 19.32 -1.87 8.10
CA ASP C 56 19.29 -1.13 6.84
CA ASP C 56 19.27 -1.11 6.85
C ASP C 56 18.28 -1.68 5.84
C ASP C 56 18.25 -1.66 5.85
N LEU C 57 17.49 -2.69 6.22
CA LEU C 57 16.43 -3.18 5.34
C LEU C 57 15.41 -2.08 5.09
N THR C 58 15.11 -1.81 3.80
CA THR C 58 14.10 -0.80 3.51
C THR C 58 12.70 -1.31 3.85
N VAL C 59 11.81 -0.36 4.10
CA VAL C 59 10.41 -0.68 4.38
C VAL C 59 9.81 -1.50 3.24
N GLY C 60 10.13 -1.15 1.99
CA GLY C 60 9.56 -1.88 0.86
C GLY C 60 10.06 -3.30 0.75
N GLN C 61 11.34 -3.52 1.10
CA GLN C 61 11.88 -4.88 1.14
C GLN C 61 11.19 -5.70 2.23
N PHE C 62 10.95 -5.08 3.38
CA PHE C 62 10.27 -5.78 4.46
C PHE C 62 8.84 -6.14 4.08
N TYR C 63 8.13 -5.21 3.43
CA TYR C 63 6.78 -5.48 2.93
C TYR C 63 6.76 -6.78 2.14
N PHE C 64 7.69 -6.93 1.19
CA PHE C 64 7.69 -8.12 0.34
C PHE C 64 8.03 -9.38 1.14
N LEU C 65 9.00 -9.29 2.06
CA LEU C 65 9.35 -10.47 2.83
C LEU C 65 8.17 -10.96 3.65
N ILE C 66 7.34 -10.04 4.17
CA ILE C 66 6.16 -10.48 4.90
C ILE C 66 5.05 -10.92 3.93
N ARG C 67 4.87 -10.20 2.82
CA ARG C 67 3.83 -10.56 1.85
C ARG C 67 3.97 -12.00 1.37
N LYS C 68 5.19 -12.40 1.04
CA LYS C 68 5.42 -13.75 0.53
C LYS C 68 5.24 -14.82 1.60
N ARG C 69 5.19 -14.44 2.87
CA ARG C 69 4.91 -15.39 3.94
C ARG C 69 3.43 -15.53 4.24
N ILE C 70 2.60 -14.57 3.83
CA ILE C 70 1.16 -14.70 3.97
C ILE C 70 0.55 -15.44 2.78
N HIS C 71 1.26 -15.49 1.64
CA HIS C 71 0.81 -16.22 0.47
C HIS C 71 -0.46 -15.58 -0.07
N LEU C 72 -0.34 -14.29 -0.40
CA LEU C 72 -1.41 -13.53 -1.01
C LEU C 72 -1.38 -13.72 -2.52
N ARG C 73 -2.53 -13.43 -3.15
CA ARG C 73 -2.60 -13.35 -4.61
C ARG C 73 -2.27 -11.93 -5.06
N ALA C 74 -1.96 -11.78 -6.35
CA ALA C 74 -1.54 -10.47 -6.85
C ALA C 74 -2.58 -9.41 -6.56
N GLU C 75 -3.86 -9.76 -6.66
N GLU C 75 -3.86 -9.77 -6.66
CA GLU C 75 -4.95 -8.82 -6.49
CA GLU C 75 -4.97 -8.82 -6.48
C GLU C 75 -5.31 -8.56 -5.02
C GLU C 75 -5.19 -8.43 -5.02
N ASP C 76 -4.54 -9.10 -4.08
CA ASP C 76 -4.82 -8.90 -2.65
C ASP C 76 -3.96 -7.77 -2.11
N ALA C 77 -4.61 -6.74 -1.59
CA ALA C 77 -3.87 -5.59 -1.04
C ALA C 77 -3.34 -5.89 0.36
N LEU C 78 -2.26 -5.20 0.71
CA LEU C 78 -1.57 -5.41 1.98
C LEU C 78 -1.00 -4.09 2.49
N PHE C 79 -1.33 -3.73 3.74
CA PHE C 79 -0.87 -2.49 4.37
C PHE C 79 -0.28 -2.78 5.75
N PHE C 80 0.73 -1.99 6.12
CA PHE C 80 1.43 -2.15 7.40
C PHE C 80 1.28 -0.88 8.24
N PHE C 81 1.27 -1.04 9.57
CA PHE C 81 1.06 0.08 10.48
C PHE C 81 2.04 0.01 11.64
N VAL C 82 2.68 1.14 11.96
CA VAL C 82 3.36 1.30 13.24
C VAL C 82 2.58 2.36 14.00
N ASN C 83 2.09 1.99 15.20
CA ASN C 83 1.23 2.88 16.00
C ASN C 83 0.08 3.44 15.16
N ASN C 84 -0.56 2.56 14.39
CA ASN C 84 -1.76 2.84 13.57
C ASN C 84 -1.50 3.67 12.31
N VAL C 85 -0.25 3.95 11.95
CA VAL C 85 0.13 4.82 10.84
C VAL C 85 0.97 4.02 9.85
N ILE C 86 0.69 4.18 8.56
CA ILE C 86 1.55 3.54 7.55
C ILE C 86 2.92 4.18 7.57
N PRO C 87 4.00 3.40 7.67
CA PRO C 87 5.34 4.00 7.70
C PRO C 87 5.66 4.68 6.39
N PRO C 88 6.57 5.65 6.40
CA PRO C 88 7.02 6.24 5.13
C PRO C 88 7.86 5.23 4.36
N THR C 89 7.70 5.25 3.03
CA THR C 89 8.39 4.29 2.18
C THR C 89 9.91 4.50 2.19
N SER C 90 10.36 5.72 2.44
CA SER C 90 11.79 6.01 2.47
C SER C 90 12.49 5.50 3.72
N ALA C 91 11.76 4.98 4.70
CA ALA C 91 12.33 4.54 5.96
C ALA C 91 13.02 3.18 5.82
N THR C 92 13.96 2.93 6.73
CA THR C 92 14.48 1.59 6.99
C THR C 92 13.87 1.03 8.28
N MET C 93 14.00 -0.28 8.46
CA MET C 93 13.48 -0.89 9.67
C MET C 93 14.25 -0.44 10.90
N GLY C 94 15.54 -0.14 10.74
CA GLY C 94 16.31 0.40 11.85
C GLY C 94 15.85 1.80 12.23
N GLN C 95 15.46 2.61 11.25
CA GLN C 95 14.87 3.91 11.54
C GLN C 95 13.53 3.78 12.27
N LEU C 96 12.66 2.90 11.78
CA LEU C 96 11.40 2.66 12.47
C LEU C 96 11.66 2.18 13.89
N TYR C 97 12.68 1.34 14.07
CA TYR C 97 13.02 0.86 15.41
C TYR C 97 13.51 2.00 16.30
N GLN C 98 14.46 2.80 15.80
CA GLN C 98 14.95 3.94 16.58
C GLN C 98 13.80 4.87 16.98
N GLU C 99 12.87 5.11 16.05
CA GLU C 99 11.79 6.05 16.29
C GLU C 99 10.69 5.48 17.19
N HIS C 100 10.44 4.16 17.13
CA HIS C 100 9.17 3.65 17.64
C HIS C 100 9.28 2.42 18.54
N HIS C 101 10.47 1.90 18.81
CA HIS C 101 10.55 0.73 19.68
C HIS C 101 9.95 1.05 21.04
N GLU C 102 9.35 0.02 21.66
CA GLU C 102 8.78 0.19 22.99
C GLU C 102 9.84 -0.10 24.06
N GLU C 103 9.45 0.02 25.32
CA GLU C 103 10.43 -0.08 26.38
C GLU C 103 10.82 -1.51 26.70
N ASP C 104 10.27 -2.51 25.98
CA ASP C 104 10.85 -3.85 25.96
C ASP C 104 11.87 -4.04 24.85
N PHE C 105 12.20 -2.97 24.13
CA PHE C 105 13.19 -2.95 23.05
C PHE C 105 12.79 -3.80 21.85
N PHE C 106 11.49 -4.03 21.67
CA PHE C 106 10.91 -4.60 20.45
C PHE C 106 10.21 -3.53 19.64
N LEU C 107 10.21 -3.70 18.32
CA LEU C 107 9.38 -2.89 17.41
C LEU C 107 8.15 -3.71 17.03
N TYR C 108 6.95 -3.11 17.16
CA TYR C 108 5.70 -3.81 16.88
C TYR C 108 5.04 -3.27 15.62
N ILE C 109 4.68 -4.15 14.68
N ILE C 109 4.69 -4.17 14.69
CA ILE C 109 4.06 -3.68 13.44
CA ILE C 109 4.08 -3.79 13.41
C ILE C 109 2.88 -4.60 13.09
C ILE C 109 2.83 -4.64 13.17
N ALA C 110 1.75 -3.99 12.78
CA ALA C 110 0.53 -4.70 12.43
C ALA C 110 0.36 -4.68 10.91
N TYR C 111 -0.46 -5.61 10.40
CA TYR C 111 -0.77 -5.59 8.98
C TYR C 111 -2.25 -5.87 8.76
N SER C 112 -2.76 -5.45 7.59
CA SER C 112 -4.18 -5.60 7.27
C SER C 112 -4.38 -5.63 5.76
N ASP C 113 -5.58 -6.08 5.35
CA ASP C 113 -5.98 -5.88 3.96
C ASP C 113 -6.44 -4.46 3.71
N GLU C 114 -6.83 -3.72 4.75
CA GLU C 114 -7.37 -2.39 4.59
C GLU C 114 -6.31 -1.32 4.79
N SER C 115 -6.57 -0.15 4.22
CA SER C 115 -5.61 0.94 4.25
C SER C 115 -5.70 1.78 5.53
N VAL C 116 -6.73 1.57 6.35
CA VAL C 116 -6.90 2.24 7.63
C VAL C 116 -6.87 1.19 8.73
N TYR C 117 -6.04 1.42 9.75
CA TYR C 117 -5.90 0.47 10.84
C TYR C 117 -7.24 0.25 11.54
N GLY C 118 -7.65 -1.02 11.62
CA GLY C 118 -8.86 -1.35 12.35
C GLY C 118 -10.15 -1.18 11.58
N LEU C 119 -10.06 -0.88 10.28
CA LEU C 119 -11.23 -0.89 9.41
C LEU C 119 -11.41 -2.29 8.83
C ACE D 1 -13.23 2.43 -31.58
O ACE D 1 -12.20 2.85 -31.06
CH3 ACE D 1 -13.97 1.24 -31.07
N ASP D 2 -13.75 3.02 -32.64
CA ASP D 2 -13.13 4.18 -33.25
C ASP D 2 -13.03 5.38 -32.30
N ALA D 3 -13.78 5.37 -31.20
CA ALA D 3 -13.67 6.44 -30.21
C ALA D 3 -12.58 6.18 -29.17
N CYS D 4 -11.85 5.07 -29.31
CA CYS D 4 -10.95 4.60 -28.25
C CYS D 4 -9.49 4.55 -28.68
N TYR D 5 -9.08 5.28 -29.72
CA TYR D 5 -7.67 5.27 -30.09
C TYR D 5 -6.79 5.88 -28.99
N THR D 6 -7.35 6.68 -28.09
CA THR D 6 -6.57 7.26 -27.00
C THR D 6 -6.84 6.60 -25.65
N TRP D 7 -7.68 5.56 -25.61
CA TRP D 7 -8.06 4.89 -24.36
C TRP D 7 -7.57 3.46 -24.32
N GLU D 8 -6.93 3.07 -23.23
CA GLU D 8 -6.54 1.66 -23.06
C GLU D 8 -7.56 0.95 -22.20
O LE1 D 9 -7.60 -2.74 -21.44
C LE1 D 9 -8.44 -1.93 -20.98
CA LE1 D 9 -9.12 -0.93 -21.93
N LE1 D 9 -8.08 -0.17 -22.68
CB LE1 D 9 -10.12 -1.63 -22.88
C9 LE1 D 9 -9.47 -2.53 -23.91
C8 LE1 D 9 -11.08 -2.43 -22.01
SG LE1 D 9 -11.17 -0.35 -23.70
N LEU D 10 -8.82 -1.90 -19.71
CA LEU D 10 -8.28 -2.82 -18.71
C LEU D 10 -9.22 -3.98 -18.50
N ALA D 11 -8.67 -5.14 -18.14
CA ALA D 11 -9.50 -6.31 -17.88
C ALA D 11 -8.77 -7.23 -16.92
N TRP D 12 -9.54 -8.10 -16.28
CA TRP D 12 -9.02 -9.11 -15.37
C TRP D 12 -9.44 -10.48 -15.86
N PRO D 13 -8.54 -11.46 -15.97
CA PRO D 13 -8.92 -12.79 -16.46
C PRO D 13 -10.01 -13.44 -15.62
N NH2 D 14 -11.16 -13.72 -16.23
CL CL E . -6.75 19.14 -9.89
CL CL F . -2.08 -6.69 -18.47
CL CL G . 11.15 -8.50 -8.73
CL CL H . -13.70 25.11 -21.19
NA NA I . -17.58 -1.54 -1.65
C1 OXE J . 19.28 -16.72 13.44
C2 OXE J . 20.09 -16.32 14.50
C3 OXE J . 21.29 -16.99 14.72
C4 OXE J . 21.68 -18.03 13.92
C5 OXE J . 20.87 -18.44 12.87
C6 OXE J . 19.68 -17.78 12.64
C1' OXE J . 17.97 -16.02 13.14
C2' OXE J . 19.69 -15.17 15.40
CL CL K . 0.02 -2.82 21.78
CL CL L . 11.69 -15.71 2.02
CL CL M . -1.31 -14.47 -8.15
CL CL N . 6.61 1.26 26.27
C1 OXE O . -11.15 -0.37 -26.48
C2 OXE O . -12.31 0.32 -26.88
C3 OXE O . -13.00 -0.12 -27.98
C4 OXE O . -12.58 -1.21 -28.72
C5 OXE O . -11.44 -1.88 -28.34
C6 OXE O . -10.74 -1.45 -27.24
C1' OXE O . -10.33 0.04 -25.27
C2' OXE O . -12.83 1.53 -26.10
#